data_3PMQ
#
_entry.id   3PMQ
#
_cell.length_a   256.640
_cell.length_b   256.640
_cell.length_c   256.640
_cell.angle_alpha   90.00
_cell.angle_beta   90.00
_cell.angle_gamma   90.00
#
_symmetry.space_group_name_H-M   'I 2 3'
#
loop_
_entity.id
_entity.type
_entity.pdbx_description
1 polymer 'Decaheme cytochrome c MtrF'
2 non-polymer 'HEME C'
3 non-polymer 'CALCIUM ION'
#
_entity_poly.entity_id   1
_entity_poly.type   'polypeptide(L)'
_entity_poly.pdbx_seq_one_letter_code
;MNKFASFTTQYSLMLLIATLLSACGGSDGDDGSPGEPGKPPAMTISSLNISVDKVAISDGIAQVDYQVSNQENQAVVGIP
SATFIAAQLLPQGATGAGNSSEWQHFTSETCAASCPGTFVDHKNGHYSYRFSATFNGMNGVTFLSDATQRLVIKIGGDAL
ADGTVLPITNQHYDWQSSGNMLAYTRNLVSIDTCNSCHSNLAFHGGRYNQVETCVTCHNSKKVSNAADIFPQMIHSKHLT
GFPQSISNCQTCHADNPDLADRQNWYRVPTMEACGACHTQINFPAGQGHPAQTDNSNCVACHNADWTANVHSNAAQTSAL
AQFNASISSASMDANGTITVAVSLTNPTTGTAYADSADKLKFISDLRIYANWGTSFDYSSRSARSIRLPESTPIAGSNGT
YSYNISGLTVPAGTESDRGGLAIQGRVCAKDSVLVDCSTELAEVLVIKSSHSYFNMSALTTTGRREVISNAKCASCHGDQ
QLNIHGARNDLAGQCQLCHNPNMLADATATNPSMTSFDFKQLIHGLHSSQFAGFEDLNYPGNIGNCAQCHINDSTGISTV
ALPLNAAVQPLALNNGTFTSPIAAVCSNCHSSDATQNHMRQQGAVFAGTKADATAGTETCAFCHGQGTVADVLKVHPINK
GELKLEGKPIPNPLLGLDSTRTGHHHHHH
;
_entity_poly.pdbx_strand_id   A
#
# COMPACT_ATOMS: atom_id res chain seq x y z
N ASN A 49 -11.46 -12.88 21.34
CA ASN A 49 -12.10 -13.62 22.42
C ASN A 49 -11.24 -13.68 23.67
N ILE A 50 -11.42 -12.71 24.57
CA ILE A 50 -10.77 -12.79 25.88
C ILE A 50 -11.21 -14.08 26.54
N SER A 51 -10.25 -14.84 27.07
CA SER A 51 -10.52 -16.22 27.44
C SER A 51 -9.88 -16.69 28.74
N VAL A 52 -10.30 -17.87 29.18
CA VAL A 52 -9.91 -18.43 30.46
C VAL A 52 -10.54 -19.83 30.53
N ASP A 53 -9.77 -20.85 30.88
CA ASP A 53 -8.36 -20.72 31.26
C ASP A 53 -7.57 -21.91 30.73
N LYS A 54 -6.26 -21.88 30.96
CA LYS A 54 -5.39 -23.03 30.76
C LYS A 54 -5.94 -24.21 31.53
N VAL A 55 -6.11 -25.33 30.84
CA VAL A 55 -6.60 -26.55 31.44
C VAL A 55 -5.45 -27.52 31.60
N ALA A 56 -5.03 -27.75 32.84
CA ALA A 56 -3.89 -28.60 33.12
C ALA A 56 -4.28 -29.85 33.92
N ILE A 57 -4.91 -30.80 33.25
CA ILE A 57 -5.19 -32.12 33.82
C ILE A 57 -6.22 -32.92 33.02
N SER A 58 -5.73 -33.86 32.22
CA SER A 58 -4.31 -33.94 31.93
C SER A 58 -4.18 -33.68 30.44
N ASP A 59 -4.99 -32.77 29.95
CA ASP A 59 -5.17 -32.56 28.53
C ASP A 59 -5.67 -31.16 28.25
N GLY A 60 -5.65 -30.77 26.97
CA GLY A 60 -6.25 -29.52 26.55
C GLY A 60 -7.77 -29.63 26.64
N ILE A 61 -8.39 -28.60 27.21
CA ILE A 61 -9.83 -28.55 27.42
C ILE A 61 -10.26 -27.10 27.37
N ALA A 62 -9.91 -26.42 26.27
CA ALA A 62 -10.20 -25.00 26.16
C ALA A 62 -11.59 -24.72 26.68
N GLN A 63 -11.70 -23.77 27.60
CA GLN A 63 -12.88 -23.64 28.43
C GLN A 63 -13.80 -22.47 28.08
N VAL A 64 -13.40 -21.65 27.11
CA VAL A 64 -14.22 -20.50 26.70
C VAL A 64 -13.98 -20.15 25.24
N ASP A 65 -15.05 -19.79 24.54
CA ASP A 65 -14.97 -19.48 23.11
C ASP A 65 -15.80 -18.27 22.69
N TYR A 66 -15.60 -17.13 23.35
CA TYR A 66 -16.41 -15.93 23.11
C TYR A 66 -15.90 -14.77 23.99
N GLN A 67 -16.40 -13.54 23.82
CA GLN A 67 -17.56 -13.20 22.98
C GLN A 67 -17.26 -12.11 21.96
N VAL A 68 -15.98 -11.85 21.71
CA VAL A 68 -15.61 -10.76 20.82
C VAL A 68 -16.21 -11.00 19.44
N SER A 69 -16.68 -12.22 19.23
CA SER A 69 -17.52 -12.54 18.08
C SER A 69 -16.94 -12.09 16.75
N ASN A 70 -17.83 -11.86 15.78
CA ASN A 70 -17.44 -11.54 14.41
C ASN A 70 -17.56 -10.06 14.12
N GLN A 71 -18.80 -9.58 14.05
CA GLN A 71 -19.09 -8.21 13.65
C GLN A 71 -20.40 -7.79 14.29
N GLU A 72 -20.39 -6.64 14.96
CA GLU A 72 -21.58 -6.09 15.60
C GLU A 72 -21.19 -5.17 16.73
N ASN A 73 -22.17 -4.82 17.55
CA ASN A 73 -21.93 -3.99 18.71
C ASN A 73 -20.97 -4.67 19.68
N GLN A 74 -21.15 -5.98 19.86
CA GLN A 74 -20.37 -6.79 20.82
C GLN A 74 -21.09 -6.88 22.17
N ALA A 75 -20.44 -7.54 23.13
CA ALA A 75 -20.97 -7.68 24.48
C ALA A 75 -22.31 -8.39 24.48
N VAL A 76 -22.54 -9.21 23.45
CA VAL A 76 -23.78 -9.96 23.31
C VAL A 76 -23.52 -11.45 23.39
N VAL A 77 -24.40 -12.16 24.10
CA VAL A 77 -24.28 -13.60 24.26
C VAL A 77 -24.23 -14.27 22.88
N GLY A 78 -23.43 -15.32 22.77
CA GLY A 78 -23.26 -16.02 21.50
C GLY A 78 -23.43 -17.52 21.62
N ILE A 79 -23.64 -18.17 20.48
CA ILE A 79 -23.77 -19.62 20.42
C ILE A 79 -22.79 -20.19 19.39
N PRO A 80 -21.86 -21.04 19.86
CA PRO A 80 -20.79 -21.59 19.03
C PRO A 80 -21.24 -22.74 18.12
N SER A 81 -21.77 -22.40 16.95
CA SER A 81 -22.21 -23.40 15.99
C SER A 81 -22.03 -22.87 14.57
N ALA A 82 -21.56 -23.73 13.66
CA ALA A 82 -21.24 -25.11 13.97
C ALA A 82 -20.17 -25.67 13.05
N THR A 83 -19.01 -25.03 13.02
CA THR A 83 -17.91 -25.50 12.17
C THR A 83 -16.55 -25.13 12.76
N PHE A 84 -15.58 -26.04 12.68
CA PHE A 84 -14.20 -25.75 13.07
C PHE A 84 -14.12 -25.56 14.60
N ILE A 85 -12.94 -25.41 15.23
CA ILE A 85 -11.69 -24.93 14.67
C ILE A 85 -10.59 -24.90 15.73
N ALA A 86 -9.45 -25.54 15.49
CA ALA A 86 -8.46 -25.61 16.56
C ALA A 86 -7.03 -26.00 16.18
N ALA A 87 -6.06 -25.52 16.96
CA ALA A 87 -4.64 -25.77 16.68
C ALA A 87 -3.72 -25.38 17.86
N GLN A 88 -2.74 -26.23 18.15
CA GLN A 88 -1.84 -26.01 19.29
C GLN A 88 -0.35 -26.03 18.93
N LEU A 89 0.46 -25.27 19.67
CA LEU A 89 1.90 -25.20 19.40
C LEU A 89 2.78 -25.01 20.61
N LEU A 90 4.05 -25.37 20.43
CA LEU A 90 5.06 -25.25 21.48
C LEU A 90 6.35 -24.62 20.93
N PRO A 91 6.69 -23.43 21.45
CA PRO A 91 7.95 -22.73 21.17
C PRO A 91 8.98 -22.88 22.30
N GLN A 92 10.27 -22.83 21.96
CA GLN A 92 11.33 -22.99 22.96
C GLN A 92 12.25 -21.77 23.10
N GLY A 93 12.08 -20.81 22.21
CA GLY A 93 13.00 -19.69 22.17
C GLY A 93 14.27 -20.18 21.50
N ALA A 94 15.41 -19.92 22.12
CA ALA A 94 16.68 -20.29 21.48
C ALA A 94 17.48 -21.37 22.23
N THR A 95 16.82 -22.46 22.62
CA THR A 95 17.50 -23.52 23.37
C THR A 95 18.02 -24.65 22.49
N GLY A 96 17.76 -24.58 21.20
CA GLY A 96 18.17 -25.65 20.30
C GLY A 96 18.14 -25.26 18.83
N ALA A 97 19.29 -24.83 18.33
CA ALA A 97 20.47 -24.64 19.18
C ALA A 97 21.31 -23.41 18.82
N GLY A 98 21.19 -22.37 19.62
CA GLY A 98 21.98 -21.17 19.44
C GLY A 98 21.62 -20.34 18.22
N ASN A 99 20.32 -20.22 17.96
CA ASN A 99 19.82 -19.43 16.83
C ASN A 99 18.55 -18.63 17.17
N SER A 100 17.37 -19.25 17.10
CA SER A 100 16.12 -18.48 17.21
C SER A 100 14.90 -19.22 17.77
N SER A 101 13.91 -18.44 18.19
CA SER A 101 12.63 -18.97 18.66
C SER A 101 12.00 -19.86 17.60
N GLU A 102 11.40 -20.96 18.03
CA GLU A 102 10.76 -21.89 17.11
C GLU A 102 9.41 -22.33 17.63
N TRP A 103 8.42 -22.44 16.74
CA TRP A 103 7.14 -23.06 17.09
C TRP A 103 7.17 -24.54 16.73
N GLN A 104 6.24 -25.31 17.28
CA GLN A 104 6.14 -26.73 16.97
C GLN A 104 4.67 -27.17 16.95
N HIS A 105 4.27 -27.80 15.85
CA HIS A 105 2.86 -28.11 15.60
C HIS A 105 2.43 -29.47 16.12
N PHE A 106 1.44 -29.49 17.00
CA PHE A 106 0.78 -30.71 17.41
C PHE A 106 -0.34 -31.01 16.41
N THR A 107 -0.56 -32.29 16.11
CA THR A 107 -1.49 -32.70 15.08
C THR A 107 -2.81 -31.92 15.09
N SER A 108 -3.09 -31.24 13.98
CA SER A 108 -4.35 -30.56 13.74
C SER A 108 -4.53 -30.48 12.22
N GLU A 109 -5.63 -31.03 11.72
CA GLU A 109 -5.80 -31.21 10.28
C GLU A 109 -7.19 -31.74 9.88
N THR A 110 -7.32 -32.17 8.64
CA THR A 110 -8.56 -32.70 8.09
C THR A 110 -9.05 -33.94 8.81
N CYS A 111 -10.35 -34.20 8.72
CA CYS A 111 -10.95 -35.38 9.34
C CYS A 111 -12.21 -35.75 8.58
N ALA A 112 -12.67 -36.98 8.76
CA ALA A 112 -13.88 -37.44 8.07
C ALA A 112 -15.07 -37.49 9.01
N ALA A 113 -14.90 -38.22 10.11
CA ALA A 113 -15.98 -38.39 11.07
C ALA A 113 -15.80 -37.55 12.34
N SER A 114 -15.84 -36.23 12.19
CA SER A 114 -16.19 -35.32 13.29
C SER A 114 -15.47 -35.67 14.61
N CYS A 115 -14.49 -34.88 15.02
CA CYS A 115 -13.66 -35.26 16.16
C CYS A 115 -13.13 -34.12 17.02
N PRO A 116 -12.64 -34.46 18.22
CA PRO A 116 -12.16 -33.46 19.21
C PRO A 116 -10.81 -32.83 18.93
N GLY A 117 -9.76 -33.65 19.04
CA GLY A 117 -8.38 -33.17 19.10
C GLY A 117 -7.69 -32.96 17.78
N THR A 118 -8.36 -32.28 16.86
CA THR A 118 -7.79 -32.01 15.56
C THR A 118 -8.55 -30.83 14.99
N PHE A 119 -8.50 -30.68 13.68
CA PHE A 119 -9.15 -29.54 13.04
C PHE A 119 -10.57 -29.86 12.60
N VAL A 120 -11.53 -29.39 13.38
CA VAL A 120 -12.94 -29.59 13.07
C VAL A 120 -13.73 -29.13 14.31
N ASP A 121 -14.99 -29.54 14.45
CA ASP A 121 -15.82 -29.15 15.58
C ASP A 121 -16.95 -30.15 15.83
N HIS A 122 -16.64 -31.22 16.54
CA HIS A 122 -17.69 -32.22 16.71
C HIS A 122 -17.56 -33.10 17.95
N LYS A 123 -17.13 -34.33 17.73
CA LYS A 123 -16.99 -35.34 18.78
C LYS A 123 -15.93 -34.96 19.80
N ASN A 124 -15.72 -33.67 19.93
CA ASN A 124 -14.84 -33.12 20.94
C ASN A 124 -15.33 -33.42 22.35
N GLY A 125 -14.91 -32.60 23.30
CA GLY A 125 -15.50 -32.61 24.63
C GLY A 125 -16.60 -31.58 24.74
N HIS A 126 -17.31 -31.62 25.86
CA HIS A 126 -18.48 -30.80 26.07
C HIS A 126 -18.30 -29.35 25.62
N TYR A 127 -19.06 -28.93 24.61
CA TYR A 127 -19.10 -27.52 24.21
C TYR A 127 -20.51 -27.05 23.85
N SER A 128 -20.83 -25.83 24.25
CA SER A 128 -22.14 -25.27 24.02
C SER A 128 -22.24 -23.91 24.69
N TYR A 129 -23.04 -23.03 24.10
CA TYR A 129 -23.33 -21.73 24.66
C TYR A 129 -22.11 -20.78 24.64
N ARG A 130 -21.17 -20.99 25.54
CA ARG A 130 -20.02 -20.09 25.64
C ARG A 130 -18.74 -20.84 25.94
N PHE A 131 -18.73 -21.48 27.09
CA PHE A 131 -17.55 -22.14 27.63
C PHE A 131 -17.42 -23.56 27.04
N SER A 132 -16.54 -23.71 26.06
CA SER A 132 -16.47 -24.95 25.27
C SER A 132 -15.44 -25.99 25.74
N ALA A 133 -14.85 -26.69 24.77
CA ALA A 133 -13.88 -27.78 25.01
C ALA A 133 -13.71 -28.50 23.66
N THR A 134 -12.77 -29.44 23.48
CA THR A 134 -11.67 -29.83 24.38
C THR A 134 -10.79 -30.81 23.59
N PHE A 135 -9.50 -30.84 23.92
CA PHE A 135 -8.56 -31.64 23.14
C PHE A 135 -8.26 -33.04 23.68
N ASN A 136 -7.81 -33.91 22.78
CA ASN A 136 -7.36 -35.25 23.14
C ASN A 136 -5.84 -35.36 23.03
N GLY A 137 -5.26 -36.36 23.71
CA GLY A 137 -3.82 -36.54 23.70
C GLY A 137 -3.06 -35.29 24.15
N MET A 138 -1.75 -35.30 23.99
CA MET A 138 -0.95 -34.12 24.30
C MET A 138 0.28 -33.92 23.39
N ASN A 139 1.32 -34.73 23.59
CA ASN A 139 2.57 -34.55 22.85
C ASN A 139 2.76 -35.49 21.65
N GLY A 140 1.98 -35.22 20.60
CA GLY A 140 1.91 -36.07 19.43
C GLY A 140 3.20 -36.21 18.67
N VAL A 141 3.50 -35.21 17.86
CA VAL A 141 4.72 -35.24 17.06
C VAL A 141 5.93 -34.83 17.91
N THR A 142 5.80 -33.71 18.63
CA THR A 142 6.85 -33.19 19.50
C THR A 142 6.66 -33.71 20.92
N PHE A 143 7.00 -32.89 21.92
CA PHE A 143 6.61 -33.20 23.30
C PHE A 143 6.53 -31.98 24.23
N LEU A 144 5.45 -31.94 25.00
CA LEU A 144 5.18 -30.87 25.95
C LEU A 144 6.39 -30.66 26.85
N SER A 145 6.70 -29.40 27.13
CA SER A 145 7.81 -29.08 28.02
C SER A 145 7.36 -28.25 29.20
N ASP A 146 7.69 -28.70 30.41
CA ASP A 146 7.40 -27.90 31.59
C ASP A 146 8.07 -26.53 31.48
N ALA A 147 7.36 -25.49 31.88
CA ALA A 147 7.92 -24.15 31.86
C ALA A 147 8.16 -23.62 30.44
N THR A 148 7.20 -23.85 29.56
CA THR A 148 7.33 -23.39 28.17
C THR A 148 6.05 -22.70 27.67
N GLN A 149 6.20 -21.91 26.61
CA GLN A 149 5.06 -21.24 26.00
C GLN A 149 4.32 -22.18 25.05
N ARG A 150 3.07 -21.84 24.73
CA ARG A 150 2.25 -22.65 23.85
C ARG A 150 1.15 -21.83 23.18
N LEU A 151 0.54 -22.38 22.12
CA LEU A 151 -0.38 -21.60 21.30
C LEU A 151 -1.73 -22.28 21.05
N VAL A 152 -2.80 -21.47 21.07
CA VAL A 152 -4.14 -21.95 20.75
C VAL A 152 -4.83 -20.93 19.86
N ILE A 153 -5.79 -21.37 19.06
CA ILE A 153 -6.50 -20.50 18.12
C ILE A 153 -7.92 -21.01 17.82
N LYS A 154 -8.74 -20.15 17.23
CA LYS A 154 -10.13 -20.51 16.92
C LYS A 154 -10.70 -19.63 15.80
N ILE A 155 -11.36 -20.24 14.81
CA ILE A 155 -11.97 -19.50 13.70
C ILE A 155 -13.42 -19.94 13.49
N GLY A 156 -14.23 -19.10 12.86
CA GLY A 156 -15.63 -19.40 12.66
C GLY A 156 -16.22 -18.95 11.33
N GLY A 157 -16.33 -19.88 10.39
CA GLY A 157 -17.04 -19.68 9.15
C GLY A 157 -18.32 -20.49 9.22
N ASP A 158 -19.47 -19.86 8.99
CA ASP A 158 -20.72 -20.50 9.40
C ASP A 158 -21.90 -20.48 8.45
N ALA A 159 -22.58 -21.62 8.39
CA ALA A 159 -23.96 -21.69 7.98
C ALA A 159 -24.72 -21.91 9.29
N LEU A 160 -25.18 -20.82 9.90
CA LEU A 160 -25.63 -20.82 11.29
C LEU A 160 -26.92 -21.61 11.55
N ALA A 161 -27.33 -21.63 12.81
CA ALA A 161 -28.50 -22.39 13.25
C ALA A 161 -29.81 -21.68 12.93
N ASP A 162 -29.87 -21.08 11.74
CA ASP A 162 -31.08 -20.43 11.25
C ASP A 162 -31.42 -19.18 12.06
N GLY A 163 -30.53 -18.84 12.99
CA GLY A 163 -30.78 -17.74 13.91
C GLY A 163 -30.19 -16.41 13.47
N THR A 164 -29.20 -16.46 12.57
CA THR A 164 -28.51 -15.26 12.13
C THR A 164 -27.79 -15.47 10.80
N VAL A 165 -27.03 -16.56 10.73
CA VAL A 165 -26.32 -16.95 9.50
C VAL A 165 -25.14 -16.04 9.15
N LEU A 166 -23.98 -16.34 9.72
CA LEU A 166 -22.73 -15.63 9.42
C LEU A 166 -21.62 -16.14 10.36
N PRO A 167 -20.37 -15.68 10.18
CA PRO A 167 -19.84 -14.81 9.13
C PRO A 167 -18.95 -15.56 8.14
N ILE A 168 -18.01 -14.84 7.54
CA ILE A 168 -16.97 -15.45 6.70
C ILE A 168 -16.01 -16.26 7.57
N THR A 169 -15.09 -15.57 8.25
CA THR A 169 -14.16 -16.23 9.16
C THR A 169 -13.70 -15.26 10.25
N ASN A 170 -13.31 -15.79 11.41
CA ASN A 170 -12.85 -14.95 12.51
C ASN A 170 -12.03 -15.73 13.53
N GLN A 171 -10.75 -15.39 13.65
CA GLN A 171 -9.85 -16.09 14.57
C GLN A 171 -9.18 -15.20 15.62
N HIS A 172 -8.68 -15.84 16.66
CA HIS A 172 -8.02 -15.16 17.78
C HIS A 172 -7.25 -16.20 18.58
N TYR A 173 -6.10 -15.81 19.11
CA TYR A 173 -5.21 -16.76 19.75
C TYR A 173 -5.19 -16.66 21.27
N ASP A 174 -4.63 -17.69 21.91
CA ASP A 174 -4.44 -17.72 23.34
C ASP A 174 -3.16 -18.51 23.62
N TRP A 175 -2.10 -17.82 23.99
CA TRP A 175 -0.84 -18.48 24.29
C TRP A 175 -0.76 -18.86 25.77
N GLN A 176 -0.40 -20.12 26.03
CA GLN A 176 -0.55 -20.70 27.35
C GLN A 176 0.76 -21.19 27.98
N SER A 177 0.66 -21.59 29.25
CA SER A 177 1.78 -22.16 29.99
C SER A 177 1.21 -22.94 31.16
N SER A 178 2.07 -23.56 31.96
CA SER A 178 1.61 -24.33 33.10
C SER A 178 1.56 -23.53 34.42
N GLY A 179 0.80 -22.44 34.41
CA GLY A 179 0.39 -21.79 35.64
C GLY A 179 1.18 -20.60 36.14
N ASN A 180 1.90 -19.94 35.24
CA ASN A 180 2.67 -18.76 35.64
C ASN A 180 2.60 -17.63 34.63
N MET A 181 3.25 -16.52 34.94
CA MET A 181 3.06 -15.28 34.19
C MET A 181 3.30 -15.43 32.69
N LEU A 182 4.57 -15.63 32.31
CA LEU A 182 4.96 -15.62 30.90
C LEU A 182 6.48 -15.56 30.81
N ALA A 183 7.10 -16.70 30.51
CA ALA A 183 8.56 -16.82 30.51
C ALA A 183 9.24 -16.00 29.41
N TYR A 184 8.89 -16.34 28.17
CA TYR A 184 9.49 -15.71 26.99
C TYR A 184 8.45 -15.79 25.88
N THR A 185 8.69 -15.11 24.76
CA THR A 185 7.71 -15.09 23.69
C THR A 185 8.36 -14.97 22.32
N ARG A 186 7.51 -14.99 21.29
CA ARG A 186 7.93 -14.73 19.93
C ARG A 186 6.87 -13.88 19.24
N ASN A 187 6.69 -12.66 19.73
CA ASN A 187 5.74 -11.73 19.14
C ASN A 187 6.39 -10.85 18.09
N LEU A 188 6.64 -11.41 16.93
CA LEU A 188 7.35 -10.67 15.89
C LEU A 188 6.49 -9.58 15.23
N VAL A 189 5.45 -9.97 14.52
CA VAL A 189 4.69 -8.97 13.78
C VAL A 189 3.19 -9.25 13.64
N SER A 190 2.40 -8.20 13.88
CA SER A 190 0.94 -8.28 13.77
C SER A 190 0.50 -8.18 12.33
N ILE A 191 -0.73 -8.63 12.07
CA ILE A 191 -1.23 -8.72 10.70
C ILE A 191 -1.71 -7.39 10.13
N ASP A 192 -2.04 -6.43 10.99
CA ASP A 192 -2.63 -5.18 10.53
C ASP A 192 -1.68 -4.37 9.63
N THR A 193 -0.40 -4.33 9.99
CA THR A 193 0.58 -3.65 9.15
C THR A 193 0.70 -4.36 7.81
N CYS A 194 0.42 -5.66 7.81
CA CYS A 194 0.34 -6.42 6.57
C CYS A 194 -0.84 -5.91 5.76
N ASN A 195 -1.95 -5.67 6.44
CA ASN A 195 -3.20 -5.29 5.79
C ASN A 195 -3.12 -3.95 5.07
N SER A 196 -2.10 -3.15 5.37
CA SER A 196 -1.93 -1.89 4.68
C SER A 196 -1.91 -2.12 3.17
N CYS A 197 -1.19 -3.16 2.75
CA CYS A 197 -1.10 -3.50 1.34
C CYS A 197 -2.14 -4.55 0.92
N HIS A 198 -2.76 -5.21 1.91
CA HIS A 198 -3.69 -6.30 1.65
C HIS A 198 -5.12 -5.97 2.08
N SER A 199 -5.27 -4.93 2.89
CA SER A 199 -6.56 -4.54 3.46
C SER A 199 -7.08 -5.61 4.41
N ASN A 200 -7.39 -6.77 3.86
CA ASN A 200 -7.69 -7.95 4.66
C ASN A 200 -6.81 -9.11 4.21
N LEU A 201 -6.52 -10.04 5.11
CA LEU A 201 -5.67 -11.16 4.76
C LEU A 201 -6.25 -12.47 5.28
N ALA A 202 -6.34 -13.45 4.41
CA ALA A 202 -6.95 -14.73 4.75
C ALA A 202 -6.63 -15.78 3.69
N PHE A 203 -5.58 -16.55 3.95
CA PHE A 203 -5.14 -17.60 3.02
C PHE A 203 -5.92 -18.91 3.20
N HIS A 204 -5.71 -19.83 2.25
CA HIS A 204 -6.33 -21.15 2.31
C HIS A 204 -7.85 -21.11 2.27
N GLY A 205 -8.40 -20.61 1.17
CA GLY A 205 -9.83 -20.45 1.07
C GLY A 205 -10.30 -19.56 2.20
N GLY A 206 -9.53 -18.50 2.46
CA GLY A 206 -9.89 -17.52 3.46
C GLY A 206 -10.15 -18.10 4.84
N ARG A 207 -9.88 -19.38 5.01
CA ARG A 207 -10.14 -20.05 6.28
C ARG A 207 -9.27 -19.44 7.38
N TYR A 208 -7.97 -19.39 7.11
CA TYR A 208 -7.03 -18.72 7.99
C TYR A 208 -6.58 -17.45 7.28
N ASN A 209 -6.07 -16.45 8.02
CA ASN A 209 -6.05 -16.44 9.47
C ASN A 209 -6.06 -14.99 9.95
N GLN A 210 -7.25 -14.48 10.20
CA GLN A 210 -7.40 -13.13 10.74
C GLN A 210 -6.51 -12.98 11.98
N VAL A 211 -5.61 -12.00 11.93
CA VAL A 211 -4.73 -11.66 13.05
C VAL A 211 -3.51 -12.59 13.18
N GLU A 212 -3.38 -13.23 14.32
CA GLU A 212 -2.16 -13.97 14.62
C GLU A 212 -2.45 -15.28 15.35
N THR A 213 -1.92 -16.37 14.80
CA THR A 213 -1.07 -16.28 13.61
C THR A 213 -0.96 -17.61 12.87
N CYS A 214 -0.17 -17.60 11.81
CA CYS A 214 0.08 -18.77 10.99
C CYS A 214 1.38 -19.45 11.37
N VAL A 215 2.08 -18.87 12.35
CA VAL A 215 3.32 -19.45 12.84
C VAL A 215 3.04 -20.85 13.38
N THR A 216 1.76 -21.20 13.41
CA THR A 216 1.33 -22.49 13.94
C THR A 216 1.65 -23.63 13.00
N CYS A 217 1.03 -23.63 11.82
CA CYS A 217 1.26 -24.68 10.84
C CYS A 217 2.58 -24.51 10.09
N HIS A 218 2.98 -23.27 9.86
CA HIS A 218 4.21 -23.02 9.12
C HIS A 218 5.45 -23.20 10.00
N ASN A 219 5.65 -24.43 10.45
CA ASN A 219 6.83 -24.84 11.20
C ASN A 219 7.54 -25.96 10.47
N SER A 220 8.63 -26.42 11.04
CA SER A 220 9.33 -27.59 10.52
C SER A 220 8.46 -28.83 10.71
N LYS A 221 7.59 -28.79 11.71
CA LYS A 221 6.79 -29.95 12.10
C LYS A 221 5.55 -30.18 11.22
N LYS A 222 4.86 -29.11 10.87
CA LYS A 222 3.62 -29.21 10.09
C LYS A 222 3.84 -29.19 8.57
N VAL A 223 4.52 -28.16 8.08
CA VAL A 223 4.75 -28.03 6.63
C VAL A 223 6.03 -28.75 6.19
N SER A 224 6.18 -29.01 4.89
CA SER A 224 6.97 -30.16 4.43
C SER A 224 8.26 -30.07 3.58
N ASN A 225 8.82 -28.89 3.26
CA ASN A 225 8.34 -27.57 3.64
C ASN A 225 7.86 -26.85 2.36
N ALA A 226 8.68 -26.07 1.63
CA ALA A 226 10.09 -25.75 1.88
C ALA A 226 10.53 -24.68 0.88
N ALA A 227 10.76 -23.47 1.38
CA ALA A 227 10.60 -23.16 2.79
C ALA A 227 9.31 -22.39 3.04
N ASP A 228 8.34 -23.05 3.66
CA ASP A 228 7.07 -22.44 4.01
C ASP A 228 7.02 -22.03 5.48
N ILE A 229 8.15 -22.15 6.17
CA ILE A 229 8.30 -21.60 7.52
C ILE A 229 8.17 -20.08 7.42
N PHE A 230 7.45 -19.48 8.35
CA PHE A 230 6.95 -18.12 8.15
C PHE A 230 7.97 -17.08 7.69
N PRO A 231 9.05 -16.87 8.48
CA PRO A 231 10.05 -15.89 8.04
C PRO A 231 10.63 -16.29 6.69
N GLN A 232 11.16 -17.51 6.62
CA GLN A 232 11.70 -18.05 5.38
C GLN A 232 10.76 -17.78 4.21
N MET A 233 9.47 -18.03 4.44
CA MET A 233 8.48 -17.99 3.36
C MET A 233 8.14 -16.59 2.91
N ILE A 234 7.48 -15.82 3.78
CA ILE A 234 6.90 -14.54 3.38
C ILE A 234 7.95 -13.55 2.86
N HIS A 235 9.21 -13.73 3.26
CA HIS A 235 10.30 -12.96 2.68
C HIS A 235 10.41 -13.30 1.21
N SER A 236 10.54 -14.61 0.93
CA SER A 236 10.69 -15.09 -0.44
C SER A 236 9.54 -14.65 -1.33
N LYS A 237 8.33 -14.61 -0.77
CA LYS A 237 7.16 -14.21 -1.55
C LYS A 237 7.22 -12.74 -1.93
N HIS A 238 7.56 -11.89 -0.97
CA HIS A 238 7.66 -10.45 -1.21
C HIS A 238 8.99 -10.05 -1.84
N LEU A 239 9.79 -11.02 -2.25
CA LEU A 239 11.11 -10.73 -2.80
C LEU A 239 11.03 -9.95 -4.11
N THR A 240 9.93 -10.13 -4.84
CA THR A 240 9.69 -9.36 -6.06
C THR A 240 8.19 -9.06 -6.19
N GLY A 241 7.87 -7.97 -6.88
CA GLY A 241 6.49 -7.54 -7.00
C GLY A 241 6.12 -6.56 -5.91
N PHE A 242 6.98 -6.48 -4.90
CA PHE A 242 6.83 -5.54 -3.80
C PHE A 242 6.81 -4.12 -4.35
N PRO A 243 5.81 -3.32 -3.95
CA PRO A 243 5.76 -1.90 -4.34
C PRO A 243 7.03 -1.17 -3.94
N GLN A 244 7.22 -0.97 -2.64
CA GLN A 244 8.40 -0.28 -2.13
C GLN A 244 9.66 -1.09 -2.36
N SER A 245 10.80 -0.51 -1.99
CA SER A 245 12.06 -1.23 -1.98
C SER A 245 12.05 -2.33 -0.94
N ILE A 246 12.59 -3.48 -1.29
CA ILE A 246 12.65 -4.61 -0.38
C ILE A 246 13.38 -4.24 0.91
N SER A 247 14.35 -3.33 0.82
CA SER A 247 15.17 -2.99 1.98
C SER A 247 14.40 -2.18 3.03
N ASN A 248 13.16 -1.85 2.73
CA ASN A 248 12.29 -1.21 3.70
C ASN A 248 11.77 -2.26 4.65
N CYS A 249 12.28 -2.27 5.88
CA CYS A 249 11.93 -3.32 6.84
C CYS A 249 10.67 -2.99 7.64
N GLN A 250 10.63 -1.79 8.22
CA GLN A 250 9.51 -1.40 9.08
C GLN A 250 8.16 -1.41 8.39
N THR A 251 8.15 -1.51 7.06
CA THR A 251 6.89 -1.63 6.33
C THR A 251 6.16 -2.90 6.77
N CYS A 252 6.93 -3.89 7.23
CA CYS A 252 6.37 -5.10 7.83
C CYS A 252 6.80 -5.20 9.28
N HIS A 253 8.10 -5.07 9.52
CA HIS A 253 8.62 -5.07 10.88
C HIS A 253 8.31 -3.74 11.57
N ALA A 254 7.04 -3.38 11.59
CA ALA A 254 6.61 -2.11 12.17
C ALA A 254 7.01 -2.00 13.64
N ASP A 255 7.18 -0.78 14.13
CA ASP A 255 7.46 -0.54 15.54
C ASP A 255 6.15 -0.57 16.33
N ASN A 256 6.17 -1.27 17.46
CA ASN A 256 4.96 -1.50 18.23
C ASN A 256 5.27 -2.03 19.63
N PRO A 257 4.93 -1.26 20.67
CA PRO A 257 5.17 -1.67 22.05
C PRO A 257 4.43 -2.97 22.38
N ASP A 258 3.29 -3.18 21.75
CA ASP A 258 2.50 -4.37 21.98
C ASP A 258 3.32 -5.63 21.70
N LEU A 259 4.30 -5.51 20.82
CA LEU A 259 5.20 -6.61 20.50
C LEU A 259 6.57 -6.42 21.13
N ALA A 260 6.76 -7.00 22.31
CA ALA A 260 8.00 -6.84 23.05
C ALA A 260 9.19 -7.51 22.35
N ASP A 261 8.91 -8.57 21.61
CA ASP A 261 9.97 -9.33 20.93
C ASP A 261 10.21 -8.90 19.48
N ARG A 262 10.97 -7.82 19.33
CA ARG A 262 11.43 -7.33 18.02
C ARG A 262 11.30 -5.82 17.86
N GLN A 263 12.41 -5.11 17.74
CA GLN A 263 13.75 -5.59 18.12
C GLN A 263 14.13 -7.04 17.82
N ASN A 264 14.13 -7.43 16.55
CA ASN A 264 14.52 -8.80 16.20
C ASN A 264 14.97 -8.99 14.76
N TRP A 265 14.38 -8.24 13.83
CA TRP A 265 14.77 -8.31 12.43
C TRP A 265 16.26 -7.99 12.23
N TYR A 266 16.88 -7.46 13.27
CA TYR A 266 18.32 -7.17 13.22
C TYR A 266 19.04 -7.67 14.47
N ARG A 267 18.30 -8.24 15.40
CA ARG A 267 18.90 -8.80 16.60
C ARG A 267 19.34 -10.24 16.36
N VAL A 268 18.63 -10.93 15.47
CA VAL A 268 18.84 -12.35 15.26
C VAL A 268 19.13 -12.77 13.82
N PRO A 269 20.36 -12.52 13.35
CA PRO A 269 20.78 -12.97 12.02
C PRO A 269 20.73 -14.49 11.92
N THR A 270 20.15 -15.01 10.85
CA THR A 270 20.05 -16.45 10.64
C THR A 270 20.09 -16.79 9.16
N MET A 271 20.67 -17.93 8.80
CA MET A 271 20.71 -18.36 7.40
C MET A 271 19.33 -18.26 6.77
N GLU A 272 18.41 -19.08 7.27
CA GLU A 272 17.09 -19.25 6.66
C GLU A 272 16.37 -17.92 6.41
N ALA A 273 16.44 -17.00 7.37
CA ALA A 273 15.74 -15.73 7.26
C ALA A 273 16.42 -14.76 6.31
N CYS A 274 17.72 -14.55 6.50
CA CYS A 274 18.46 -13.61 5.68
C CYS A 274 18.64 -14.12 4.25
N GLY A 275 18.81 -15.43 4.12
CA GLY A 275 19.04 -16.06 2.84
C GLY A 275 17.86 -15.97 1.88
N ALA A 276 16.67 -15.78 2.43
CA ALA A 276 15.46 -15.70 1.63
C ALA A 276 15.55 -14.60 0.58
N CYS A 277 16.01 -13.43 1.01
CA CYS A 277 16.24 -12.33 0.08
C CYS A 277 17.60 -12.48 -0.59
N HIS A 278 18.62 -12.78 0.20
CA HIS A 278 19.97 -12.98 -0.31
C HIS A 278 20.12 -14.40 -0.84
N THR A 279 19.71 -14.60 -2.09
CA THR A 279 19.57 -15.92 -2.67
C THR A 279 20.85 -16.44 -3.32
N GLN A 280 21.64 -15.54 -3.88
CA GLN A 280 22.83 -15.93 -4.60
C GLN A 280 23.89 -16.47 -3.66
N ILE A 281 23.56 -16.54 -2.37
CA ILE A 281 24.48 -17.00 -1.35
C ILE A 281 24.16 -18.39 -0.82
N ASN A 282 25.06 -19.35 -1.02
CA ASN A 282 24.96 -20.67 -0.43
C ASN A 282 25.93 -20.76 0.73
N PHE A 283 25.41 -20.67 1.95
CA PHE A 283 26.26 -20.50 3.12
C PHE A 283 27.20 -21.68 3.40
N PRO A 284 26.65 -22.87 3.60
CA PRO A 284 27.51 -24.00 3.97
C PRO A 284 28.61 -24.28 2.94
N ALA A 285 28.42 -23.81 1.71
CA ALA A 285 29.38 -24.11 0.63
C ALA A 285 30.40 -23.00 0.46
N GLY A 286 30.13 -21.84 1.03
CA GLY A 286 31.02 -20.71 0.90
C GLY A 286 30.84 -19.97 -0.41
N GLN A 287 29.73 -20.22 -1.09
CA GLN A 287 29.39 -19.49 -2.31
C GLN A 287 28.91 -18.09 -1.99
N GLY A 288 29.68 -17.09 -2.40
CA GLY A 288 29.29 -15.69 -2.26
C GLY A 288 29.39 -15.12 -0.86
N HIS A 289 29.93 -15.91 0.05
CA HIS A 289 30.04 -15.54 1.46
C HIS A 289 30.86 -16.64 2.14
N PRO A 290 31.60 -16.30 3.19
CA PRO A 290 32.38 -17.32 3.91
C PRO A 290 31.50 -18.47 4.38
N ALA A 291 31.95 -19.70 4.15
CA ALA A 291 31.17 -20.88 4.47
C ALA A 291 30.69 -20.89 5.92
N GLN A 292 29.45 -21.31 6.11
CA GLN A 292 28.85 -21.40 7.44
C GLN A 292 27.82 -22.54 7.47
N THR A 293 28.08 -23.55 8.30
CA THR A 293 27.20 -24.70 8.40
C THR A 293 25.97 -24.40 9.23
N ASP A 294 26.16 -23.56 10.23
CA ASP A 294 25.09 -23.22 11.16
C ASP A 294 24.92 -21.71 11.17
N ASN A 295 24.17 -21.22 12.14
CA ASN A 295 24.16 -19.79 12.43
C ASN A 295 24.58 -19.53 13.88
N SER A 296 25.62 -20.24 14.32
CA SER A 296 26.18 -20.02 15.64
C SER A 296 27.17 -18.85 15.70
N ASN A 297 27.59 -18.36 14.54
CA ASN A 297 28.54 -17.24 14.49
C ASN A 297 28.01 -16.00 13.78
N CYS A 298 26.82 -16.11 13.20
CA CYS A 298 26.22 -15.00 12.49
C CYS A 298 26.38 -13.67 13.23
N VAL A 299 25.90 -13.65 14.47
CA VAL A 299 25.79 -12.40 15.23
C VAL A 299 27.13 -11.76 15.57
N ALA A 300 28.13 -12.60 15.86
CA ALA A 300 29.45 -12.10 16.24
C ALA A 300 29.93 -11.07 15.22
N CYS A 301 29.70 -11.38 13.94
CA CYS A 301 30.02 -10.46 12.86
C CYS A 301 28.88 -9.47 12.62
N HIS A 302 27.68 -10.00 12.39
CA HIS A 302 26.53 -9.15 12.11
C HIS A 302 25.86 -8.62 13.39
N ASN A 303 26.45 -7.57 13.95
CA ASN A 303 25.85 -6.86 15.07
C ASN A 303 24.55 -6.18 14.66
N ALA A 304 23.75 -5.76 15.63
CA ALA A 304 22.46 -5.13 15.34
C ALA A 304 22.61 -3.84 14.56
N ASP A 305 23.50 -2.97 15.01
CA ASP A 305 23.71 -1.68 14.36
C ASP A 305 24.03 -1.87 12.88
N TRP A 306 24.82 -2.89 12.58
CA TRP A 306 25.26 -3.14 11.22
C TRP A 306 24.10 -3.53 10.31
N THR A 307 23.37 -4.57 10.72
CA THR A 307 22.27 -5.08 9.92
C THR A 307 21.08 -4.10 9.87
N ALA A 308 20.97 -3.26 10.88
CA ALA A 308 19.93 -2.22 10.91
C ALA A 308 20.29 -1.08 9.95
N ASN A 309 21.58 -0.78 9.85
CA ASN A 309 22.06 0.29 8.97
C ASN A 309 22.05 -0.09 7.50
N VAL A 310 22.62 -1.24 7.17
CA VAL A 310 22.78 -1.66 5.78
C VAL A 310 21.48 -1.59 4.99
N HIS A 311 20.36 -1.71 5.69
CA HIS A 311 19.05 -1.68 5.04
C HIS A 311 18.39 -0.31 5.20
N SER A 312 18.92 0.48 6.13
CA SER A 312 18.45 1.85 6.34
C SER A 312 18.79 2.73 5.15
N ASN A 313 18.20 3.92 5.10
CA ASN A 313 18.47 4.89 4.05
C ASN A 313 18.70 6.26 4.65
N ALA A 314 19.05 6.28 5.94
CA ALA A 314 19.20 7.52 6.67
C ALA A 314 20.19 8.46 6.00
N ALA A 315 21.25 7.90 5.42
CA ALA A 315 22.24 8.71 4.72
C ALA A 315 21.56 9.46 3.58
N GLN A 316 20.82 8.72 2.75
CA GLN A 316 20.12 9.32 1.62
C GLN A 316 19.20 10.45 2.08
N THR A 317 18.44 10.21 3.14
CA THR A 317 17.43 11.17 3.57
C THR A 317 18.03 12.41 4.21
N SER A 318 19.18 12.24 4.87
CA SER A 318 19.86 13.37 5.51
C SER A 318 20.53 14.25 4.48
N ALA A 319 20.96 13.65 3.37
CA ALA A 319 21.52 14.43 2.27
C ALA A 319 20.43 15.29 1.63
N LEU A 320 19.31 14.66 1.31
CA LEU A 320 18.18 15.36 0.69
C LEU A 320 17.61 16.41 1.64
N ALA A 321 17.72 16.15 2.94
CA ALA A 321 17.19 17.06 3.95
C ALA A 321 17.98 18.37 3.97
N GLN A 322 19.02 18.45 3.17
CA GLN A 322 19.86 19.64 3.11
C GLN A 322 19.59 20.47 1.85
N PHE A 323 18.52 20.13 1.15
CA PHE A 323 18.12 20.88 -0.05
C PHE A 323 16.61 20.92 -0.21
N ASN A 324 16.12 22.05 -0.67
CA ASN A 324 14.71 22.24 -0.95
C ASN A 324 14.54 23.28 -2.04
N ALA A 325 13.62 23.02 -2.96
CA ALA A 325 13.30 23.99 -4.01
C ALA A 325 11.82 24.31 -3.97
N SER A 326 11.49 25.55 -3.63
CA SER A 326 10.10 25.98 -3.55
C SER A 326 9.83 27.14 -4.49
N ILE A 327 8.64 27.14 -5.09
CA ILE A 327 8.21 28.23 -5.96
C ILE A 327 7.58 29.36 -5.14
N SER A 328 8.34 30.43 -4.94
CA SER A 328 7.95 31.51 -4.03
C SER A 328 6.81 32.38 -4.57
N SER A 329 6.68 32.45 -5.90
CA SER A 329 5.63 33.24 -6.52
C SER A 329 5.53 32.93 -8.01
N ALA A 330 4.36 33.18 -8.59
CA ALA A 330 4.13 32.87 -10.00
C ALA A 330 2.99 33.69 -10.60
N SER A 331 2.99 33.78 -11.92
CA SER A 331 1.92 34.47 -12.64
C SER A 331 2.03 34.20 -14.14
N MET A 332 1.06 34.68 -14.91
CA MET A 332 0.99 34.38 -16.33
C MET A 332 0.28 35.50 -17.08
N ASP A 333 0.73 35.79 -18.29
CA ASP A 333 0.07 36.79 -19.13
C ASP A 333 -1.08 36.16 -19.92
N ALA A 334 -1.78 37.00 -20.69
CA ALA A 334 -3.00 36.55 -21.37
C ALA A 334 -2.78 35.49 -22.44
N ASN A 335 -1.65 35.56 -23.13
CA ASN A 335 -1.43 34.65 -24.24
C ASN A 335 -0.86 33.30 -23.82
N GLY A 336 -0.17 33.27 -22.68
CA GLY A 336 0.30 32.02 -22.11
C GLY A 336 1.78 31.94 -21.82
N THR A 337 2.29 32.88 -21.04
CA THR A 337 3.67 32.83 -20.59
C THR A 337 3.79 33.01 -19.08
N ILE A 338 4.34 31.99 -18.43
CA ILE A 338 4.47 31.97 -16.98
C ILE A 338 5.76 32.63 -16.50
N THR A 339 5.68 33.30 -15.35
CA THR A 339 6.87 33.85 -14.70
C THR A 339 6.97 33.27 -13.29
N VAL A 340 7.99 32.44 -13.08
CA VAL A 340 8.16 31.77 -11.79
C VAL A 340 9.34 32.33 -11.00
N ALA A 341 9.26 32.25 -9.69
CA ALA A 341 10.36 32.62 -8.81
C ALA A 341 10.71 31.43 -7.92
N VAL A 342 11.93 30.95 -8.05
CA VAL A 342 12.36 29.77 -7.31
C VAL A 342 13.25 30.16 -6.13
N SER A 343 13.01 29.54 -4.97
CA SER A 343 13.81 29.80 -3.79
C SER A 343 14.45 28.51 -3.28
N LEU A 344 15.74 28.35 -3.54
CA LEU A 344 16.48 27.19 -3.06
C LEU A 344 16.99 27.46 -1.64
N THR A 345 16.82 26.48 -0.76
CA THR A 345 17.22 26.63 0.64
C THR A 345 17.53 25.29 1.29
N ASN A 346 18.12 25.34 2.47
CA ASN A 346 18.28 24.15 3.30
C ASN A 346 17.10 24.03 4.25
N PRO A 347 16.15 23.12 3.94
CA PRO A 347 14.92 23.02 4.71
C PRO A 347 15.18 22.99 6.22
N THR A 348 16.08 22.12 6.68
CA THR A 348 16.56 22.21 8.05
C THR A 348 17.46 23.44 8.13
N THR A 349 17.43 24.15 9.26
CA THR A 349 18.12 25.44 9.45
C THR A 349 17.47 26.59 8.67
N GLY A 350 17.00 26.30 7.47
CA GLY A 350 16.13 27.21 6.74
C GLY A 350 16.79 28.38 6.05
N THR A 351 18.11 28.36 5.95
CA THR A 351 18.84 29.43 5.27
C THR A 351 18.88 29.23 3.77
N ALA A 352 19.15 30.31 3.04
CA ALA A 352 19.05 30.31 1.59
C ALA A 352 20.32 29.89 0.87
N TYR A 353 20.15 29.31 -0.31
CA TYR A 353 21.23 29.16 -1.26
C TYR A 353 21.29 30.43 -2.10
N ALA A 354 22.23 31.31 -1.76
CA ALA A 354 22.29 32.64 -2.40
C ALA A 354 22.37 32.57 -3.91
N ASP A 355 23.20 31.65 -4.42
CA ASP A 355 23.35 31.48 -5.87
C ASP A 355 22.17 30.75 -6.49
N SER A 356 22.03 30.87 -7.81
CA SER A 356 20.98 30.19 -8.55
C SER A 356 21.39 28.76 -8.85
N ALA A 357 20.40 27.92 -9.17
CA ALA A 357 20.63 26.50 -9.39
C ALA A 357 21.81 26.22 -10.32
N ASP A 358 21.91 27.00 -11.39
CA ASP A 358 22.92 26.77 -12.42
C ASP A 358 24.36 26.87 -11.91
N LYS A 359 24.52 27.33 -10.68
CA LYS A 359 25.85 27.50 -10.10
C LYS A 359 26.08 26.59 -8.90
N LEU A 360 25.07 25.80 -8.55
CA LEU A 360 25.17 24.84 -7.46
C LEU A 360 25.57 23.46 -7.98
N LYS A 361 26.80 23.05 -7.66
CA LYS A 361 27.43 21.85 -8.19
C LYS A 361 26.73 20.53 -7.86
N PHE A 362 26.04 20.48 -6.73
CA PHE A 362 25.44 19.23 -6.28
C PHE A 362 24.10 18.94 -6.97
N ILE A 363 23.63 19.89 -7.78
CA ILE A 363 22.38 19.69 -8.49
C ILE A 363 22.60 18.95 -9.80
N SER A 364 22.03 17.75 -9.91
CA SER A 364 22.14 16.97 -11.13
C SER A 364 21.09 17.42 -12.14
N ASP A 365 19.87 17.63 -11.65
CA ASP A 365 18.78 18.09 -12.49
C ASP A 365 17.70 18.74 -11.63
N LEU A 366 17.03 19.75 -12.18
CA LEU A 366 15.97 20.44 -11.47
C LEU A 366 15.09 21.16 -12.47
N ARG A 367 13.84 20.70 -12.58
CA ARG A 367 12.93 21.22 -13.59
C ARG A 367 11.60 21.66 -12.98
N ILE A 368 10.87 22.47 -13.74
CA ILE A 368 9.50 22.82 -13.39
C ILE A 368 8.61 22.49 -14.58
N TYR A 369 7.45 21.91 -14.30
CA TYR A 369 6.48 21.63 -15.35
C TYR A 369 5.19 22.35 -15.00
N ALA A 370 4.47 22.79 -16.03
CA ALA A 370 3.27 23.58 -15.80
C ALA A 370 2.22 23.36 -16.88
N ASN A 371 0.97 23.65 -16.52
CA ASN A 371 -0.14 23.54 -17.45
C ASN A 371 -1.32 24.35 -16.95
N TRP A 372 -2.27 24.64 -17.84
CA TRP A 372 -3.37 25.54 -17.51
C TRP A 372 -4.72 24.87 -17.67
N GLY A 373 -5.61 25.10 -16.71
CA GLY A 373 -6.96 24.58 -16.78
C GLY A 373 -7.37 23.65 -15.65
N THR A 374 -7.08 24.05 -14.41
CA THR A 374 -7.39 23.22 -13.25
C THR A 374 -8.85 22.79 -13.22
N SER A 375 -9.74 23.70 -13.58
CA SER A 375 -11.18 23.43 -13.52
C SER A 375 -11.63 22.42 -14.56
N PHE A 376 -10.80 22.17 -15.57
CA PHE A 376 -11.16 21.19 -16.60
C PHE A 376 -10.04 20.19 -16.90
N ASP A 377 -9.12 20.03 -15.96
CA ASP A 377 -8.04 19.06 -16.10
C ASP A 377 -7.06 19.42 -17.23
N TYR A 378 -6.78 20.71 -17.38
CA TYR A 378 -5.73 21.19 -18.26
C TYR A 378 -6.06 21.16 -19.76
N SER A 379 -5.25 21.87 -20.54
CA SER A 379 -5.54 22.12 -21.94
C SER A 379 -4.60 21.38 -22.88
N SER A 380 -3.60 20.71 -22.32
CA SER A 380 -2.68 19.92 -23.12
C SER A 380 -2.23 18.68 -22.38
N ARG A 381 -1.92 17.63 -23.13
CA ARG A 381 -1.40 16.39 -22.56
C ARG A 381 0.09 16.51 -22.26
N SER A 382 0.73 17.54 -22.81
CA SER A 382 2.15 17.76 -22.58
C SER A 382 2.41 19.11 -21.93
N ALA A 383 2.82 19.07 -20.67
CA ALA A 383 3.12 20.29 -19.93
C ALA A 383 4.40 20.94 -20.44
N ARG A 384 4.46 22.27 -20.37
CA ARG A 384 5.66 23.01 -20.72
C ARG A 384 6.65 22.91 -19.57
N SER A 385 7.91 23.23 -19.82
CA SER A 385 8.93 23.03 -18.78
C SER A 385 10.23 23.80 -19.01
N ILE A 386 11.05 23.84 -17.96
CA ILE A 386 12.38 24.44 -18.02
C ILE A 386 13.33 23.65 -17.14
N ARG A 387 14.56 23.49 -17.59
CA ARG A 387 15.61 22.93 -16.76
C ARG A 387 16.42 24.06 -16.16
N LEU A 388 16.18 24.36 -14.89
CA LEU A 388 16.77 25.53 -14.23
C LEU A 388 18.29 25.59 -14.35
N PRO A 389 18.99 24.48 -14.05
CA PRO A 389 20.44 24.55 -14.18
C PRO A 389 20.87 24.87 -15.61
N GLU A 390 20.05 24.48 -16.58
CA GLU A 390 20.36 24.69 -17.99
C GLU A 390 19.90 26.05 -18.51
N SER A 391 19.64 27.01 -17.62
CA SER A 391 19.17 28.32 -18.07
C SER A 391 19.39 29.44 -17.06
N THR A 392 19.98 30.54 -17.55
CA THR A 392 20.19 31.72 -16.72
C THR A 392 18.89 32.47 -16.49
N PRO A 393 18.63 32.86 -15.24
CA PRO A 393 17.39 33.53 -14.84
C PRO A 393 17.23 34.95 -15.39
N ILE A 394 16.00 35.45 -15.33
CA ILE A 394 15.68 36.81 -15.72
C ILE A 394 16.18 37.79 -14.67
N ALA A 395 15.66 37.63 -13.46
CA ALA A 395 16.01 38.52 -12.35
C ALA A 395 16.20 37.69 -11.09
N GLY A 396 17.00 38.19 -10.15
CA GLY A 396 17.14 37.54 -8.87
C GLY A 396 18.42 37.83 -8.11
N SER A 397 18.38 37.54 -6.82
CA SER A 397 19.53 37.65 -5.94
C SER A 397 19.18 37.05 -4.59
N ASN A 398 20.20 36.59 -3.86
CA ASN A 398 20.02 36.08 -2.51
C ASN A 398 18.96 34.99 -2.39
N GLY A 399 19.24 33.83 -2.98
CA GLY A 399 18.40 32.66 -2.78
C GLY A 399 17.07 32.62 -3.51
N THR A 400 16.80 33.62 -4.34
CA THR A 400 15.55 33.64 -5.11
C THR A 400 15.70 34.29 -6.49
N TYR A 401 15.41 33.51 -7.53
CA TYR A 401 15.60 33.95 -8.90
C TYR A 401 14.36 33.65 -9.75
N SER A 402 14.07 34.52 -10.70
CA SER A 402 12.91 34.36 -11.58
C SER A 402 13.28 33.79 -12.95
N TYR A 403 12.43 32.90 -13.44
CA TYR A 403 12.55 32.36 -14.78
C TYR A 403 11.18 32.54 -15.41
N ASN A 404 11.02 32.12 -16.65
CA ASN A 404 9.69 32.09 -17.23
C ASN A 404 9.43 30.91 -18.18
N ILE A 405 8.29 30.27 -17.98
CA ILE A 405 7.86 29.16 -18.82
C ILE A 405 6.88 29.66 -19.86
N SER A 406 7.18 29.41 -21.13
CA SER A 406 6.34 29.91 -22.21
C SER A 406 5.85 28.79 -23.12
N GLY A 407 4.78 29.06 -23.86
CA GLY A 407 4.22 28.10 -24.78
C GLY A 407 2.99 27.37 -24.26
N LEU A 408 2.42 27.87 -23.16
CA LEU A 408 1.22 27.28 -22.61
C LEU A 408 0.00 27.57 -23.48
N THR A 409 -0.98 26.67 -23.40
CA THR A 409 -2.20 26.80 -24.18
C THR A 409 -3.34 27.34 -23.32
N VAL A 410 -3.74 28.57 -23.59
CA VAL A 410 -4.83 29.20 -22.85
C VAL A 410 -6.06 29.37 -23.73
N PRO A 411 -6.99 28.39 -23.67
CA PRO A 411 -8.23 28.53 -24.42
C PRO A 411 -8.98 29.78 -23.94
N ALA A 412 -9.89 30.30 -24.76
CA ALA A 412 -10.47 31.62 -24.55
C ALA A 412 -11.24 31.79 -23.24
N GLY A 413 -12.36 31.09 -23.13
CA GLY A 413 -13.27 31.28 -22.01
C GLY A 413 -12.68 30.98 -20.65
N THR A 414 -11.40 30.65 -20.63
CA THR A 414 -10.74 30.20 -19.42
C THR A 414 -9.59 31.12 -19.00
N GLU A 415 -9.83 32.43 -19.10
CA GLU A 415 -8.83 33.41 -18.74
C GLU A 415 -8.65 33.50 -17.22
N SER A 416 -9.68 33.13 -16.48
CA SER A 416 -9.69 33.32 -15.03
C SER A 416 -9.49 32.02 -14.25
N ASP A 417 -9.23 30.93 -14.95
CA ASP A 417 -9.03 29.64 -14.31
C ASP A 417 -7.68 29.58 -13.59
N ARG A 418 -7.30 28.39 -13.15
CA ARG A 418 -6.01 28.22 -12.47
C ARG A 418 -5.09 27.27 -13.26
N GLY A 419 -3.80 27.37 -13.00
CA GLY A 419 -2.82 26.50 -13.63
C GLY A 419 -2.19 25.54 -12.64
N GLY A 420 -1.07 24.95 -13.01
CA GLY A 420 -0.38 24.00 -12.15
C GLY A 420 1.11 23.95 -12.39
N LEU A 421 1.87 23.89 -11.30
CA LEU A 421 3.33 23.81 -11.37
C LEU A 421 3.82 22.58 -10.62
N ALA A 422 5.01 22.10 -10.98
CA ALA A 422 5.57 20.92 -10.32
C ALA A 422 7.09 20.86 -10.42
N ILE A 423 7.75 20.98 -9.28
CA ILE A 423 9.21 20.89 -9.24
C ILE A 423 9.65 19.42 -9.32
N GLN A 424 10.82 19.20 -9.89
CA GLN A 424 11.30 17.86 -10.21
C GLN A 424 12.81 17.91 -10.27
N GLY A 425 13.50 16.99 -9.59
CA GLY A 425 14.94 17.09 -9.52
C GLY A 425 15.74 15.91 -8.99
N ARG A 426 17.06 16.05 -9.09
CA ARG A 426 18.00 15.07 -8.58
C ARG A 426 19.22 15.82 -8.05
N VAL A 427 19.77 15.35 -6.93
CA VAL A 427 20.99 15.93 -6.39
C VAL A 427 22.00 14.82 -6.10
N CYS A 428 23.27 15.13 -6.30
CA CYS A 428 24.33 14.17 -6.03
C CYS A 428 24.77 14.25 -4.57
N ALA A 429 24.89 13.09 -3.93
CA ALA A 429 25.25 13.05 -2.52
C ALA A 429 26.21 11.92 -2.24
N LYS A 430 26.92 12.03 -1.12
CA LYS A 430 27.85 11.00 -0.69
C LYS A 430 28.06 11.11 0.81
N ASP A 431 27.92 9.98 1.51
CA ASP A 431 28.10 9.93 2.95
C ASP A 431 27.26 10.97 3.70
N SER A 432 25.96 11.00 3.40
CA SER A 432 25.00 11.81 4.15
C SER A 432 25.08 13.32 3.88
N VAL A 433 25.82 13.71 2.86
CA VAL A 433 25.93 15.12 2.50
C VAL A 433 25.95 15.33 0.99
N LEU A 434 25.60 16.54 0.56
CA LEU A 434 25.57 16.88 -0.85
C LEU A 434 26.98 17.19 -1.38
N VAL A 435 27.25 16.75 -2.61
CA VAL A 435 28.58 16.88 -3.16
C VAL A 435 28.52 17.23 -4.65
N ASP A 436 29.60 17.80 -5.18
CA ASP A 436 29.70 18.08 -6.61
C ASP A 436 29.37 16.81 -7.38
N CYS A 437 28.47 16.93 -8.35
CA CYS A 437 28.01 15.79 -9.11
C CYS A 437 29.14 15.07 -9.85
N SER A 438 30.35 15.62 -9.75
CA SER A 438 31.50 15.01 -10.40
C SER A 438 32.46 14.35 -9.42
N THR A 439 32.07 14.27 -8.16
CA THR A 439 32.91 13.63 -7.14
C THR A 439 32.85 12.12 -7.29
N GLU A 440 33.94 11.44 -6.93
CA GLU A 440 34.03 9.99 -7.04
C GLU A 440 33.04 9.28 -6.14
N LEU A 441 32.44 8.21 -6.65
CA LEU A 441 31.50 7.42 -5.86
C LEU A 441 30.34 8.25 -5.32
N ALA A 442 30.00 9.33 -6.03
CA ALA A 442 28.81 10.09 -5.72
C ALA A 442 27.59 9.29 -6.15
N GLU A 443 26.46 9.52 -5.50
CA GLU A 443 25.22 8.84 -5.88
C GLU A 443 24.13 9.88 -6.17
N VAL A 444 23.31 9.61 -7.17
CA VAL A 444 22.28 10.54 -7.59
C VAL A 444 20.94 10.25 -6.91
N LEU A 445 20.55 11.11 -5.97
CA LEU A 445 19.28 10.95 -5.27
C LEU A 445 18.18 11.72 -6.00
N VAL A 446 16.93 11.40 -5.68
CA VAL A 446 15.80 12.07 -6.29
C VAL A 446 15.04 12.96 -5.30
N ILE A 447 15.03 14.25 -5.59
CA ILE A 447 14.21 15.22 -4.88
C ILE A 447 12.78 14.72 -4.71
N LYS A 448 12.19 14.96 -3.55
CA LYS A 448 10.75 14.80 -3.40
C LYS A 448 10.05 15.88 -4.24
N SER A 449 9.41 15.46 -5.33
CA SER A 449 8.68 16.40 -6.18
C SER A 449 7.61 17.13 -5.38
N SER A 450 7.13 18.25 -5.91
CA SER A 450 6.08 19.02 -5.26
C SER A 450 5.38 19.92 -6.27
N HIS A 451 4.18 20.38 -5.90
CA HIS A 451 3.38 21.18 -6.82
C HIS A 451 2.75 22.40 -6.14
N SER A 452 2.85 23.54 -6.80
CA SER A 452 2.11 24.72 -6.39
C SER A 452 0.96 24.90 -7.38
N TYR A 453 -0.11 25.55 -6.95
CA TYR A 453 -1.20 25.84 -7.90
C TYR A 453 -1.23 27.28 -8.36
N PHE A 454 -1.55 27.44 -9.63
CA PHE A 454 -1.27 28.66 -10.38
C PHE A 454 -2.48 29.58 -10.49
N ASN A 455 -2.22 30.87 -10.67
CA ASN A 455 -3.28 31.84 -10.96
C ASN A 455 -2.71 33.00 -11.77
N MET A 456 -3.50 33.47 -12.73
CA MET A 456 -3.02 34.44 -13.71
C MET A 456 -2.22 35.57 -13.07
N SER A 457 -2.55 35.88 -11.82
CA SER A 457 -1.92 37.00 -11.12
C SER A 457 -0.90 36.58 -10.06
N ALA A 458 -1.19 35.51 -9.32
CA ALA A 458 -0.30 35.07 -8.26
C ALA A 458 -0.67 33.68 -7.72
N LEU A 459 0.25 33.06 -6.99
CA LEU A 459 0.01 31.74 -6.43
C LEU A 459 -1.32 31.69 -5.69
N THR A 460 -1.96 30.53 -5.73
CA THR A 460 -3.20 30.31 -4.99
C THR A 460 -3.08 29.02 -4.19
N THR A 461 -3.84 28.91 -3.12
CA THR A 461 -3.76 27.74 -2.25
C THR A 461 -4.87 26.74 -2.54
N THR A 462 -5.86 27.16 -3.34
CA THR A 462 -7.02 26.32 -3.63
C THR A 462 -6.71 25.26 -4.68
N GLY A 463 -6.40 25.70 -5.89
CA GLY A 463 -5.98 24.80 -6.97
C GLY A 463 -6.99 23.76 -7.45
N ARG A 464 -6.46 22.77 -8.17
CA ARG A 464 -7.25 21.68 -8.73
C ARG A 464 -7.75 20.75 -7.62
N ARG A 465 -8.90 20.11 -7.86
CA ARG A 465 -9.53 19.26 -6.86
C ARG A 465 -8.58 18.18 -6.37
N GLU A 466 -8.77 17.75 -5.13
CA GLU A 466 -8.00 16.65 -4.56
C GLU A 466 -8.79 15.36 -4.63
N VAL A 467 -8.35 14.45 -5.50
CA VAL A 467 -9.04 13.18 -5.69
C VAL A 467 -8.40 12.09 -4.81
N ILE A 468 -7.10 12.19 -4.61
CA ILE A 468 -6.37 11.25 -3.78
C ILE A 468 -5.32 11.99 -2.95
N SER A 469 -4.40 11.23 -2.36
CA SER A 469 -3.36 11.83 -1.55
C SER A 469 -2.09 10.98 -1.56
N ASN A 470 -0.95 11.63 -1.40
CA ASN A 470 0.31 10.92 -1.25
C ASN A 470 0.23 9.98 -0.05
N ALA A 471 -0.60 10.38 0.92
CA ALA A 471 -0.82 9.58 2.12
C ALA A 471 -1.38 8.21 1.75
N LYS A 472 -2.50 8.22 1.02
CA LYS A 472 -3.21 7.00 0.67
C LYS A 472 -2.38 6.05 -0.19
N CYS A 473 -1.57 6.61 -1.09
CA CYS A 473 -0.75 5.80 -1.99
C CYS A 473 0.45 5.20 -1.28
N ALA A 474 0.94 5.90 -0.26
CA ALA A 474 2.14 5.49 0.46
C ALA A 474 1.90 4.20 1.23
N SER A 475 0.63 3.94 1.56
CA SER A 475 0.27 2.75 2.33
C SER A 475 0.66 1.47 1.59
N CYS A 476 1.13 1.62 0.35
CA CYS A 476 1.69 0.52 -0.41
C CYS A 476 3.03 0.93 -1.01
N HIS A 477 3.08 2.15 -1.55
CA HIS A 477 4.27 2.62 -2.25
C HIS A 477 5.28 3.35 -1.38
N GLY A 478 4.79 4.03 -0.36
CA GLY A 478 5.65 4.85 0.47
C GLY A 478 5.56 6.30 0.07
N ASP A 479 6.05 7.19 0.95
CA ASP A 479 5.91 8.61 0.75
C ASP A 479 7.28 9.28 0.71
N GLN A 480 7.77 9.63 -0.48
CA GLN A 480 7.09 9.32 -1.73
C GLN A 480 8.10 8.60 -2.64
N GLN A 481 8.27 7.30 -2.40
CA GLN A 481 9.34 6.54 -3.06
C GLN A 481 9.09 6.12 -4.51
N LEU A 482 7.82 5.90 -4.87
CA LEU A 482 7.51 5.49 -6.25
C LEU A 482 7.93 6.57 -7.25
N ASN A 483 8.95 6.27 -8.05
CA ASN A 483 9.45 7.21 -9.05
C ASN A 483 9.22 6.74 -10.48
N ILE A 484 8.47 7.50 -11.25
CA ILE A 484 8.29 7.22 -12.67
C ILE A 484 8.98 8.30 -13.49
N HIS A 485 9.38 7.95 -14.71
CA HIS A 485 10.06 8.89 -15.58
C HIS A 485 11.32 9.45 -14.93
N GLY A 486 11.88 8.70 -13.97
CA GLY A 486 13.15 9.05 -13.37
C GLY A 486 13.07 9.81 -12.06
N ALA A 487 12.31 10.90 -12.06
CA ALA A 487 12.32 11.82 -10.93
C ALA A 487 10.92 12.27 -10.50
N ARG A 488 9.91 11.92 -11.27
CA ARG A 488 8.54 12.28 -10.94
C ARG A 488 7.96 11.34 -9.89
N ASN A 489 7.46 11.89 -8.79
CA ASN A 489 6.96 11.09 -7.68
C ASN A 489 5.82 11.73 -6.88
N ASP A 490 5.36 12.89 -7.32
CA ASP A 490 4.20 13.53 -6.70
C ASP A 490 2.92 13.00 -7.33
N LEU A 491 1.97 12.60 -6.48
CA LEU A 491 0.73 12.02 -6.96
C LEU A 491 -0.47 12.91 -6.64
N ALA A 492 -0.28 13.79 -5.66
CA ALA A 492 -1.31 14.78 -5.32
C ALA A 492 -1.39 15.84 -6.40
N GLY A 493 -0.55 15.69 -7.42
CA GLY A 493 -0.49 16.61 -8.55
C GLY A 493 0.61 16.13 -9.47
N GLN A 494 1.08 17.00 -10.35
CA GLN A 494 2.19 16.68 -11.25
C GLN A 494 1.81 15.65 -12.33
N CYS A 495 1.43 14.46 -11.90
CA CYS A 495 1.07 13.40 -12.84
C CYS A 495 -0.02 13.87 -13.78
N GLN A 496 -0.99 14.59 -13.24
CA GLN A 496 -2.15 15.06 -14.00
C GLN A 496 -1.81 16.23 -14.91
N LEU A 497 -0.63 16.82 -14.72
CA LEU A 497 -0.16 17.89 -15.60
C LEU A 497 0.01 17.34 -17.01
N CYS A 498 0.17 16.03 -17.11
CA CYS A 498 0.32 15.38 -18.40
C CYS A 498 -0.74 14.30 -18.59
N HIS A 499 -0.98 13.51 -17.54
CA HIS A 499 -1.99 12.47 -17.57
C HIS A 499 -3.39 13.04 -17.35
N ASN A 500 -3.88 13.77 -18.34
CA ASN A 500 -5.20 14.37 -18.28
C ASN A 500 -6.07 13.88 -19.44
N PRO A 501 -7.34 14.29 -19.48
CA PRO A 501 -8.24 13.87 -20.56
C PRO A 501 -7.68 14.14 -21.95
N ASN A 502 -6.76 15.09 -22.06
CA ASN A 502 -6.12 15.38 -23.35
C ASN A 502 -5.38 14.16 -23.89
N MET A 503 -5.22 13.14 -23.05
CA MET A 503 -4.60 11.89 -23.43
C MET A 503 -5.57 11.05 -24.26
N LEU A 504 -5.21 10.78 -25.51
CA LEU A 504 -6.08 10.05 -26.42
C LEU A 504 -6.32 8.60 -25.97
N ALA A 505 -7.40 8.01 -26.43
CA ALA A 505 -7.71 6.61 -26.13
C ALA A 505 -8.14 5.88 -27.40
N ASP A 506 -7.68 4.64 -27.55
CA ASP A 506 -7.94 3.90 -28.78
C ASP A 506 -9.40 3.52 -28.94
N ALA A 507 -9.99 3.95 -30.05
CA ALA A 507 -11.36 3.58 -30.38
C ALA A 507 -11.41 2.17 -30.93
N THR A 508 -10.37 1.81 -31.68
CA THR A 508 -10.31 0.51 -32.34
C THR A 508 -10.32 -0.62 -31.33
N ALA A 509 -9.59 -0.44 -30.24
CA ALA A 509 -9.47 -1.48 -29.23
C ALA A 509 -10.85 -1.89 -28.70
N THR A 510 -11.10 -3.19 -28.62
CA THR A 510 -12.29 -3.68 -27.96
C THR A 510 -12.29 -3.10 -26.56
N ASN A 511 -11.09 -2.93 -26.02
CA ASN A 511 -10.90 -2.35 -24.70
C ASN A 511 -11.56 -0.99 -24.58
N PRO A 512 -12.35 -0.80 -23.53
CA PRO A 512 -13.06 0.47 -23.27
C PRO A 512 -12.21 1.42 -22.44
N SER A 513 -11.72 2.49 -23.05
CA SER A 513 -11.00 3.51 -22.32
C SER A 513 -9.90 2.99 -21.40
N MET A 514 -9.27 1.88 -21.77
CA MET A 514 -8.11 1.40 -21.02
C MET A 514 -6.84 1.59 -21.85
N THR A 515 -6.92 2.52 -22.80
CA THR A 515 -5.78 2.88 -23.61
C THR A 515 -5.44 4.33 -23.32
N SER A 516 -6.36 5.00 -22.63
CA SER A 516 -6.18 6.40 -22.26
C SER A 516 -5.14 6.52 -21.15
N PHE A 517 -4.12 7.34 -21.39
CA PHE A 517 -3.12 7.62 -20.36
C PHE A 517 -3.62 8.66 -19.37
N ASP A 518 -4.93 8.91 -19.39
CA ASP A 518 -5.54 9.72 -18.36
C ASP A 518 -5.17 9.08 -17.03
N PHE A 519 -4.96 9.89 -15.99
CA PHE A 519 -4.50 9.35 -14.73
C PHE A 519 -5.50 8.33 -14.18
N LYS A 520 -6.78 8.71 -14.12
CA LYS A 520 -7.82 7.82 -13.61
C LYS A 520 -7.81 6.48 -14.35
N GLN A 521 -7.78 6.56 -15.68
CA GLN A 521 -7.77 5.36 -16.50
C GLN A 521 -6.50 4.56 -16.25
N LEU A 522 -5.35 5.19 -16.43
CA LEU A 522 -4.08 4.52 -16.26
C LEU A 522 -4.03 3.78 -14.94
N ILE A 523 -4.28 4.49 -13.85
CA ILE A 523 -4.19 3.93 -12.51
C ILE A 523 -5.12 2.74 -12.32
N HIS A 524 -6.41 2.97 -12.47
CA HIS A 524 -7.38 1.88 -12.33
C HIS A 524 -6.98 0.70 -13.22
N GLY A 525 -6.56 1.00 -14.44
CA GLY A 525 -6.26 -0.02 -15.43
C GLY A 525 -5.07 -0.90 -15.11
N LEU A 526 -3.98 -0.30 -14.66
CA LEU A 526 -2.76 -1.08 -14.40
C LEU A 526 -2.82 -1.81 -13.06
N HIS A 527 -3.43 -1.19 -12.05
CA HIS A 527 -3.61 -1.84 -10.76
C HIS A 527 -4.67 -2.94 -10.85
N SER A 528 -5.10 -3.22 -12.07
CA SER A 528 -6.03 -4.31 -12.32
C SER A 528 -5.38 -5.33 -13.24
N SER A 529 -4.09 -5.12 -13.51
CA SER A 529 -3.34 -6.02 -14.37
C SER A 529 -3.94 -6.11 -15.77
N GLN A 530 -4.77 -5.13 -16.11
CA GLN A 530 -5.45 -5.11 -17.42
C GLN A 530 -4.83 -4.12 -18.41
N PHE A 531 -4.20 -3.07 -17.90
CA PHE A 531 -3.61 -2.06 -18.77
C PHE A 531 -2.48 -2.66 -19.60
N ALA A 532 -2.30 -2.14 -20.82
CA ALA A 532 -1.27 -2.64 -21.71
C ALA A 532 0.10 -2.63 -21.05
N GLY A 533 0.89 -3.67 -21.31
CA GLY A 533 2.22 -3.78 -20.75
C GLY A 533 2.24 -4.07 -19.26
N PHE A 534 1.06 -4.17 -18.65
CA PHE A 534 0.95 -4.37 -17.21
C PHE A 534 0.20 -5.65 -16.85
N GLU A 535 0.12 -6.59 -17.79
CA GLU A 535 -0.47 -7.88 -17.50
C GLU A 535 0.36 -8.61 -16.43
N ASP A 536 -0.21 -9.68 -15.87
CA ASP A 536 0.45 -10.48 -14.84
C ASP A 536 1.18 -9.67 -13.77
N LEU A 537 0.56 -8.60 -13.29
CA LEU A 537 1.09 -7.86 -12.15
C LEU A 537 0.15 -7.96 -10.95
N ASN A 538 0.55 -8.78 -9.98
CA ASN A 538 -0.29 -9.14 -8.85
C ASN A 538 -0.57 -8.01 -7.86
N TYR A 539 -1.84 -7.64 -7.74
CA TYR A 539 -2.27 -6.57 -6.85
C TYR A 539 -2.80 -7.13 -5.53
N PRO A 540 -2.09 -6.81 -4.42
CA PRO A 540 -2.32 -7.34 -3.07
C PRO A 540 -3.71 -7.08 -2.50
N GLY A 541 -4.04 -5.80 -2.29
CA GLY A 541 -5.30 -5.44 -1.66
C GLY A 541 -6.54 -5.76 -2.46
N ASN A 542 -7.69 -5.28 -1.99
CA ASN A 542 -8.93 -5.41 -2.74
C ASN A 542 -9.03 -4.34 -3.82
N ILE A 543 -9.04 -4.76 -5.08
CA ILE A 543 -9.13 -3.81 -6.19
C ILE A 543 -10.35 -2.92 -5.99
N GLY A 544 -11.41 -3.50 -5.43
CA GLY A 544 -12.66 -2.79 -5.22
C GLY A 544 -12.68 -1.89 -4.00
N ASN A 545 -11.64 -1.97 -3.18
CA ASN A 545 -11.56 -1.14 -1.98
C ASN A 545 -11.13 0.29 -2.30
N CYS A 546 -12.11 1.18 -2.44
CA CYS A 546 -11.87 2.56 -2.85
C CYS A 546 -11.11 3.35 -1.79
N ALA A 547 -11.26 2.94 -0.53
CA ALA A 547 -10.72 3.69 0.59
C ALA A 547 -9.19 3.83 0.54
N GLN A 548 -8.54 2.83 -0.02
CA GLN A 548 -7.08 2.82 -0.08
C GLN A 548 -6.55 4.05 -0.80
N CYS A 549 -7.02 4.27 -2.02
CA CYS A 549 -6.55 5.38 -2.83
C CYS A 549 -7.31 6.68 -2.58
N HIS A 550 -8.64 6.60 -2.56
CA HIS A 550 -9.46 7.81 -2.48
C HIS A 550 -9.50 8.45 -1.09
N ILE A 551 -10.16 9.59 -0.98
CA ILE A 551 -10.16 10.39 0.24
C ILE A 551 -11.46 11.19 0.36
N ASN A 552 -11.56 12.04 1.37
CA ASN A 552 -12.79 12.77 1.64
C ASN A 552 -12.86 14.17 1.01
N ASP A 553 -14.03 14.52 0.50
CA ASP A 553 -14.26 15.85 -0.05
C ASP A 553 -15.09 16.71 0.91
N SER A 554 -14.65 16.77 2.15
CA SER A 554 -15.38 17.48 3.21
C SER A 554 -16.67 16.76 3.59
N THR A 555 -16.96 15.66 2.91
CA THR A 555 -18.14 14.87 3.18
C THR A 555 -17.87 13.38 2.93
N GLY A 556 -18.50 12.83 1.90
CA GLY A 556 -18.27 11.45 1.51
C GLY A 556 -16.90 11.28 0.86
N ILE A 557 -16.63 10.07 0.39
CA ILE A 557 -15.38 9.80 -0.30
C ILE A 557 -15.31 10.58 -1.62
N SER A 558 -14.12 10.66 -2.20
CA SER A 558 -13.91 11.42 -3.42
C SER A 558 -14.51 10.72 -4.65
N THR A 559 -15.21 9.62 -4.41
CA THR A 559 -15.98 8.99 -5.48
C THR A 559 -17.44 9.39 -5.35
N VAL A 560 -17.66 10.64 -4.95
CA VAL A 560 -19.01 11.19 -4.88
C VAL A 560 -19.80 10.75 -6.10
N ALA A 561 -20.99 10.22 -5.87
CA ALA A 561 -21.80 9.65 -6.95
C ALA A 561 -21.99 10.64 -8.08
N LEU A 562 -21.74 11.91 -7.80
CA LEU A 562 -21.84 12.97 -8.81
C LEU A 562 -20.55 13.78 -8.88
N PRO A 563 -19.78 13.60 -9.97
CA PRO A 563 -18.51 14.30 -10.18
C PRO A 563 -18.67 15.82 -10.13
N LEU A 564 -17.59 16.54 -9.84
CA LEU A 564 -17.67 17.99 -9.69
C LEU A 564 -17.34 18.76 -10.96
N ASN A 565 -16.28 18.34 -11.65
CA ASN A 565 -15.83 19.02 -12.85
C ASN A 565 -14.89 18.11 -13.65
N ALA A 566 -15.24 16.83 -13.67
CA ALA A 566 -14.46 15.84 -14.40
C ALA A 566 -14.75 15.92 -15.89
N ALA A 567 -14.26 16.96 -16.55
CA ALA A 567 -14.44 17.09 -17.99
C ALA A 567 -14.19 15.72 -18.62
N VAL A 568 -15.05 15.32 -19.55
CA VAL A 568 -15.00 13.97 -20.08
C VAL A 568 -14.74 13.91 -21.58
N GLN A 569 -13.57 13.38 -21.94
CA GLN A 569 -13.16 13.27 -23.34
C GLN A 569 -12.64 11.85 -23.60
N PRO A 570 -13.23 10.87 -22.93
CA PRO A 570 -12.63 9.56 -22.68
C PRO A 570 -12.19 8.83 -23.95
N LEU A 571 -12.83 9.11 -25.08
CA LEU A 571 -12.46 8.44 -26.33
C LEU A 571 -11.90 9.43 -27.32
N ALA A 572 -10.68 9.16 -27.79
CA ALA A 572 -10.05 9.95 -28.83
C ALA A 572 -9.45 8.99 -29.85
N LEU A 573 -8.18 9.18 -30.18
CA LEU A 573 -7.49 8.32 -31.14
C LEU A 573 -8.50 7.86 -32.17
N ASN A 574 -8.89 8.78 -33.04
CA ASN A 574 -10.11 8.71 -33.85
C ASN A 574 -10.69 10.08 -33.61
N ASN A 575 -10.39 10.59 -32.42
CA ASN A 575 -10.72 11.96 -32.01
C ASN A 575 -12.21 12.22 -31.96
N GLY A 576 -12.84 12.28 -33.12
CA GLY A 576 -14.24 12.64 -33.24
C GLY A 576 -15.09 12.14 -32.09
N THR A 577 -15.03 10.83 -31.84
CA THR A 577 -15.87 10.21 -30.83
C THR A 577 -15.51 10.65 -29.42
N PHE A 578 -16.48 10.54 -28.52
CA PHE A 578 -16.31 10.87 -27.10
C PHE A 578 -17.20 9.92 -26.30
N THR A 579 -17.23 10.07 -24.98
CA THR A 579 -18.05 9.18 -24.16
C THR A 579 -18.53 9.86 -22.87
N SER A 580 -19.71 9.44 -22.41
CA SER A 580 -20.31 9.96 -21.18
C SER A 580 -19.29 10.12 -20.06
N PRO A 581 -19.51 11.10 -19.18
CA PRO A 581 -18.59 11.36 -18.06
C PRO A 581 -18.54 10.22 -17.04
N ILE A 582 -19.70 9.73 -16.61
CA ILE A 582 -19.75 8.68 -15.60
C ILE A 582 -19.51 7.30 -16.19
N ALA A 583 -19.98 7.09 -17.41
CA ALA A 583 -19.74 5.84 -18.10
C ALA A 583 -18.25 5.68 -18.41
N ALA A 584 -17.57 6.81 -18.58
CA ALA A 584 -16.15 6.81 -18.90
C ALA A 584 -15.36 6.00 -17.88
N VAL A 585 -15.57 6.31 -16.61
CA VAL A 585 -14.80 5.71 -15.53
C VAL A 585 -15.20 4.26 -15.22
N CYS A 586 -16.50 3.99 -15.27
CA CYS A 586 -17.02 2.69 -14.87
C CYS A 586 -16.72 1.58 -15.88
N SER A 587 -16.26 1.95 -17.07
CA SER A 587 -16.01 0.97 -18.12
C SER A 587 -14.68 0.23 -18.01
N ASN A 588 -13.93 0.47 -16.93
CA ASN A 588 -12.67 -0.24 -16.72
C ASN A 588 -12.78 -1.31 -15.65
N CYS A 589 -13.56 -1.03 -14.62
CA CYS A 589 -13.78 -1.99 -13.55
C CYS A 589 -15.13 -2.67 -13.74
N HIS A 590 -15.74 -2.44 -14.89
CA HIS A 590 -16.97 -3.10 -15.31
C HIS A 590 -16.90 -3.09 -16.83
N SER A 591 -16.03 -3.94 -17.35
CA SER A 591 -15.36 -3.71 -18.63
C SER A 591 -16.14 -3.83 -19.95
N SER A 592 -16.47 -5.06 -20.35
CA SER A 592 -16.87 -5.29 -21.74
C SER A 592 -17.99 -6.31 -21.96
N ASP A 593 -18.41 -6.41 -23.23
CA ASP A 593 -19.57 -7.21 -23.64
C ASP A 593 -20.78 -6.67 -22.92
N ALA A 594 -20.51 -5.69 -22.08
CA ALA A 594 -21.47 -5.15 -21.17
C ALA A 594 -20.88 -3.86 -20.66
N THR A 595 -21.74 -2.99 -20.12
CA THR A 595 -23.16 -3.29 -20.00
C THR A 595 -23.86 -3.44 -21.37
N GLN A 596 -25.18 -3.29 -21.40
CA GLN A 596 -25.95 -3.63 -22.59
C GLN A 596 -25.99 -2.62 -23.76
N ASN A 597 -25.51 -1.40 -23.60
CA ASN A 597 -24.75 -0.92 -22.45
C ASN A 597 -25.55 -0.45 -21.25
N HIS A 598 -26.70 -1.06 -20.97
CA HIS A 598 -27.49 -0.72 -19.78
C HIS A 598 -27.45 0.80 -19.73
N MET A 599 -27.33 1.36 -20.93
CA MET A 599 -26.97 2.76 -21.13
C MET A 599 -28.19 3.65 -21.08
N ARG A 600 -28.38 4.31 -19.94
CA ARG A 600 -29.42 5.30 -19.80
C ARG A 600 -28.87 6.65 -20.21
N GLN A 601 -29.69 7.68 -20.11
CA GLN A 601 -29.34 8.99 -20.65
C GLN A 601 -27.91 9.42 -20.33
N GLN A 602 -27.33 10.22 -21.22
CA GLN A 602 -25.92 10.63 -21.17
C GLN A 602 -24.98 9.49 -21.54
N GLY A 603 -25.31 8.27 -21.13
CA GLY A 603 -24.50 7.12 -21.45
C GLY A 603 -24.45 6.85 -22.94
N ALA A 604 -23.23 6.88 -23.50
CA ALA A 604 -23.03 6.60 -24.92
C ALA A 604 -21.60 6.94 -25.35
N VAL A 605 -21.29 6.59 -26.59
CA VAL A 605 -20.06 7.06 -27.22
C VAL A 605 -20.38 8.38 -27.92
N PHE A 606 -19.66 8.68 -29.00
CA PHE A 606 -19.82 9.95 -29.69
C PHE A 606 -21.28 10.36 -29.92
N ALA A 607 -21.48 11.67 -29.99
CA ALA A 607 -22.79 12.26 -30.27
C ALA A 607 -22.63 13.77 -30.33
N GLY A 608 -21.67 14.21 -31.13
CA GLY A 608 -21.33 15.62 -31.23
C GLY A 608 -20.53 16.08 -30.03
N THR A 609 -20.14 15.13 -29.18
CA THR A 609 -19.46 15.41 -27.93
C THR A 609 -20.26 16.40 -27.07
N LYS A 610 -21.39 16.85 -27.60
CA LYS A 610 -22.30 17.73 -26.88
C LYS A 610 -23.36 16.90 -26.17
N ALA A 611 -23.94 15.94 -26.90
CA ALA A 611 -24.81 14.95 -26.28
C ALA A 611 -23.95 14.09 -25.38
N ASP A 612 -22.64 14.21 -25.55
CA ASP A 612 -21.67 13.53 -24.72
C ASP A 612 -21.31 14.40 -23.53
N ALA A 613 -21.17 15.70 -23.78
CA ALA A 613 -20.78 16.65 -22.74
C ALA A 613 -21.92 17.59 -22.37
N THR A 614 -22.58 17.30 -21.25
CA THR A 614 -22.25 16.11 -20.46
C THR A 614 -23.26 14.94 -20.53
N ALA A 615 -24.39 15.09 -21.24
CA ALA A 615 -24.80 16.32 -21.92
C ALA A 615 -25.51 17.23 -20.95
N GLY A 616 -26.73 16.87 -20.57
CA GLY A 616 -27.42 17.51 -19.47
C GLY A 616 -27.13 16.74 -18.21
N THR A 617 -28.01 16.82 -17.22
CA THR A 617 -27.92 15.95 -16.05
C THR A 617 -28.66 14.65 -16.36
N GLU A 618 -28.21 13.55 -15.77
CA GLU A 618 -28.80 12.25 -16.09
C GLU A 618 -29.00 11.32 -14.89
N THR A 619 -30.07 10.54 -14.97
CA THR A 619 -30.47 9.64 -13.89
C THR A 619 -29.44 8.55 -13.62
N CYS A 620 -28.48 8.40 -14.52
CA CYS A 620 -27.43 7.39 -14.34
C CYS A 620 -26.79 7.55 -12.98
N ALA A 621 -26.74 8.79 -12.51
CA ALA A 621 -26.24 9.09 -11.17
C ALA A 621 -27.33 8.90 -10.13
N PHE A 622 -28.46 9.59 -10.32
CA PHE A 622 -29.55 9.57 -9.36
C PHE A 622 -29.85 8.17 -8.84
N CYS A 623 -29.69 7.18 -9.70
CA CYS A 623 -29.93 5.78 -9.34
C CYS A 623 -28.79 5.24 -8.49
N HIS A 624 -27.57 5.32 -9.01
CA HIS A 624 -26.38 4.96 -8.26
C HIS A 624 -25.89 6.17 -7.44
N GLY A 625 -26.82 6.86 -6.78
CA GLY A 625 -26.53 8.15 -6.19
C GLY A 625 -26.09 8.20 -4.72
N GLN A 626 -25.32 9.25 -4.39
CA GLN A 626 -24.73 9.39 -3.06
C GLN A 626 -25.71 9.15 -1.93
N GLY A 627 -26.64 10.08 -1.74
CA GLY A 627 -27.64 9.95 -0.69
C GLY A 627 -28.17 8.54 -0.69
N THR A 628 -28.40 7.98 0.49
CA THR A 628 -28.82 6.59 0.62
C THR A 628 -29.73 6.19 -0.54
N VAL A 629 -29.19 5.37 -1.43
CA VAL A 629 -29.89 5.00 -2.66
C VAL A 629 -29.71 3.51 -2.94
N ALA A 630 -30.16 3.07 -4.11
CA ALA A 630 -30.06 1.67 -4.50
C ALA A 630 -28.65 1.26 -4.94
N ASP A 631 -27.64 2.04 -4.56
CA ASP A 631 -26.27 1.72 -4.95
C ASP A 631 -25.21 2.55 -4.21
N VAL A 632 -24.83 3.67 -4.83
CA VAL A 632 -23.81 4.59 -4.29
C VAL A 632 -22.53 3.95 -3.76
N LEU A 633 -22.42 3.81 -2.44
CA LEU A 633 -21.19 3.33 -1.82
C LEU A 633 -21.40 2.00 -1.11
N LYS A 634 -22.64 1.69 -0.79
CA LYS A 634 -22.98 0.40 -0.20
C LYS A 634 -22.56 -0.71 -1.16
N VAL A 635 -22.59 -0.39 -2.45
CA VAL A 635 -22.29 -1.37 -3.49
C VAL A 635 -20.81 -1.75 -3.54
N HIS A 636 -19.95 -0.92 -2.95
CA HIS A 636 -18.52 -1.20 -2.92
C HIS A 636 -18.01 -1.41 -1.50
N PRO A 637 -17.09 -2.37 -1.33
CA PRO A 637 -16.42 -2.60 -0.05
C PRO A 637 -15.41 -1.51 0.26
N ILE A 638 -15.67 -0.69 1.28
CA ILE A 638 -14.73 0.37 1.65
C ILE A 638 -14.58 0.47 3.18
N ASN A 639 -13.32 0.52 3.63
CA ASN A 639 -13.04 0.59 5.06
C ASN A 639 -12.38 1.92 5.44
N LYS A 640 -12.18 2.14 6.73
CA LYS A 640 -11.53 3.36 7.21
C LYS A 640 -10.06 3.10 7.53
N GLY A 641 -9.24 4.14 7.34
CA GLY A 641 -7.79 4.03 7.58
C GLY A 641 -7.50 3.63 9.03
#